data_3WXP
#
_entry.id   3WXP
#
_cell.length_a   58.738
_cell.length_b   119.281
_cell.length_c   46.794
_cell.angle_alpha   90.000
_cell.angle_beta   90.000
_cell.angle_gamma   90.000
#
_symmetry.space_group_name_H-M   'P 21 21 2'
#
loop_
_entity.id
_entity.type
_entity.pdbx_description
1 polymer 'Endoglucanase A'
2 branched beta-D-glucopyranose-(1-4)-beta-D-glucopyranose
3 non-polymer 'CALCIUM ION'
4 non-polymer '2-[N-CYCLOHEXYLAMINO]ETHANE SULFONIC ACID'
5 water water
#
_entity_poly.entity_id   1
_entity_poly.type   'polypeptide(L)'
_entity_poly.pdbx_seq_one_letter_code
;MSKKKFVIVSILTILLVQAIYFVEKYHTSEDKSTSNTSSTPPQTTLSTTKVLKIRYPDDGEWPGAPIDKDGDGNPEFYIE
INLWNILNATGFAEMTYNLTSGVLHYVQQLDNIVLRDRSNWVHGYPEIFYGNKPWNANYATDGPIPLPSKVSNLTDFYLT
ISYKLEPKNGLPINFAIESWLTREAWRTTGINSDEQAVMIWIYYDGLQPAGSKVKEIVVPIIVNGTPVNATFEVWKANIG
WEYVAFRIKTPIKEGTVTIPYGAFISVAANISSLPNYTELYLEDVEIGTEFGTPSTTSAHLEWWITNITLTPLDRPLIS
;
_entity_poly.pdbx_strand_id   A
#
loop_
_chem_comp.id
_chem_comp.type
_chem_comp.name
_chem_comp.formula
BGC D-saccharide, beta linking beta-D-glucopyranose 'C6 H12 O6'
CA non-polymer 'CALCIUM ION' 'Ca 2'
NHE non-polymer '2-[N-CYCLOHEXYLAMINO]ETHANE SULFONIC ACID' 'C8 H17 N O3 S'
#
# COMPACT_ATOMS: atom_id res chain seq x y z
N LYS A 50 20.22 -13.29 9.70
CA LYS A 50 20.03 -11.81 9.78
C LYS A 50 19.33 -11.14 8.56
N VAL A 51 19.17 -11.88 7.44
CA VAL A 51 18.62 -11.28 6.20
C VAL A 51 17.50 -12.17 5.64
N LEU A 52 16.34 -11.60 5.44
CA LEU A 52 15.22 -12.30 4.84
C LEU A 52 15.17 -11.96 3.37
N LYS A 53 15.01 -12.93 2.50
CA LYS A 53 14.89 -12.64 1.06
C LYS A 53 13.73 -13.39 0.45
N ILE A 54 12.95 -12.70 -0.40
CA ILE A 54 11.95 -13.35 -1.28
C ILE A 54 12.27 -12.98 -2.73
N ARG A 55 12.03 -13.86 -3.67
CA ARG A 55 12.50 -13.65 -5.02
C ARG A 55 11.54 -14.28 -6.03
N TYR A 56 11.17 -13.50 -7.03
CA TYR A 56 10.41 -13.95 -8.18
C TYR A 56 11.42 -14.05 -9.37
N PRO A 57 11.33 -15.07 -10.20
CA PRO A 57 10.34 -16.18 -10.18
C PRO A 57 10.81 -17.37 -9.31
N ASP A 58 12.02 -17.31 -8.71
CA ASP A 58 12.63 -18.50 -8.05
C ASP A 58 11.71 -19.11 -6.99
N ASP A 59 11.07 -18.25 -6.20
CA ASP A 59 10.24 -18.79 -5.09
C ASP A 59 8.81 -19.05 -5.50
N GLY A 60 8.52 -18.94 -6.79
CA GLY A 60 7.18 -19.14 -7.34
C GLY A 60 6.62 -17.78 -7.81
N GLU A 61 5.37 -17.83 -8.25
CA GLU A 61 4.77 -16.66 -8.86
C GLU A 61 4.27 -15.69 -7.79
N TRP A 62 4.20 -16.10 -6.52
CA TRP A 62 3.64 -15.26 -5.46
C TRP A 62 4.55 -15.26 -4.20
N PRO A 63 5.82 -14.80 -4.38
CA PRO A 63 6.70 -14.82 -3.20
C PRO A 63 6.24 -13.88 -2.07
N GLY A 64 6.39 -14.31 -0.84
CA GLY A 64 6.02 -13.49 0.29
C GLY A 64 6.60 -14.09 1.54
N ALA A 65 6.70 -13.30 2.61
CA ALA A 65 7.25 -13.81 3.86
C ALA A 65 6.89 -12.90 5.01
N PRO A 66 6.73 -13.45 6.22
CA PRO A 66 6.58 -12.61 7.38
C PRO A 66 7.89 -12.01 7.85
N ILE A 67 7.83 -10.83 8.43
CA ILE A 67 8.96 -10.24 9.21
C ILE A 67 8.58 -10.46 10.64
N ASP A 68 9.37 -11.26 11.38
CA ASP A 68 9.04 -11.62 12.74
C ASP A 68 10.32 -11.54 13.54
N LYS A 69 10.72 -10.32 13.92
CA LYS A 69 12.08 -10.12 14.42
C LYS A 69 12.31 -10.84 15.78
N ASP A 70 11.24 -10.99 16.58
CA ASP A 70 11.37 -11.60 17.90
C ASP A 70 11.03 -13.07 17.84
N GLY A 71 10.69 -13.59 16.63
CA GLY A 71 10.46 -15.03 16.43
C GLY A 71 9.28 -15.56 17.27
N ASP A 72 8.27 -14.72 17.50
CA ASP A 72 7.17 -15.13 18.43
C ASP A 72 5.98 -15.65 17.64
N GLY A 73 6.06 -15.79 16.32
CA GLY A 73 4.95 -16.38 15.52
C GLY A 73 3.89 -15.38 15.16
N ASN A 74 4.05 -14.11 15.58
CA ASN A 74 3.13 -13.05 15.15
C ASN A 74 4.00 -12.02 14.38
N PRO A 75 3.85 -11.94 13.06
CA PRO A 75 4.79 -11.06 12.32
C PRO A 75 4.52 -9.57 12.69
N GLU A 76 5.53 -8.71 12.67
CA GLU A 76 5.36 -7.25 12.80
C GLU A 76 4.89 -6.69 11.45
N PHE A 77 5.36 -7.26 10.33
CA PHE A 77 4.96 -6.83 8.99
C PHE A 77 5.00 -8.03 8.08
N TYR A 78 4.46 -7.94 6.89
CA TYR A 78 4.48 -9.05 5.94
C TYR A 78 4.91 -8.47 4.61
N ILE A 79 5.81 -9.11 3.88
CA ILE A 79 6.26 -8.61 2.59
C ILE A 79 5.77 -9.50 1.47
N GLU A 80 5.35 -8.89 0.34
CA GLU A 80 4.97 -9.66 -0.84
C GLU A 80 5.52 -8.96 -2.10
N ILE A 81 6.06 -9.75 -3.03
CA ILE A 81 6.50 -9.19 -4.31
C ILE A 81 5.23 -8.80 -5.13
N ASN A 82 4.18 -9.64 -5.05
CA ASN A 82 2.80 -9.30 -5.43
C ASN A 82 2.78 -8.72 -6.89
N LEU A 83 3.28 -9.50 -7.83
CA LEU A 83 3.23 -9.14 -9.27
C LEU A 83 1.88 -9.69 -9.78
N TRP A 84 0.80 -9.09 -9.26
CA TRP A 84 -0.51 -9.76 -9.31
C TRP A 84 -1.15 -9.77 -10.69
N ASN A 85 -0.65 -8.88 -11.57
CA ASN A 85 -1.12 -8.84 -12.94
C ASN A 85 -0.11 -9.25 -14.00
N ILE A 86 1.02 -9.88 -13.58
CA ILE A 86 1.99 -10.37 -14.56
C ILE A 86 1.76 -11.84 -14.83
N LEU A 87 1.50 -12.16 -16.09
CA LEU A 87 1.38 -13.57 -16.51
C LEU A 87 2.75 -14.20 -16.71
N ASN A 88 3.65 -13.47 -17.41
CA ASN A 88 5.00 -13.98 -17.67
C ASN A 88 5.93 -12.82 -17.81
N ALA A 89 7.19 -12.99 -17.45
CA ALA A 89 8.22 -11.94 -17.71
C ALA A 89 9.56 -12.63 -17.71
N THR A 90 10.54 -12.03 -18.35
CA THR A 90 11.95 -12.45 -18.14
C THR A 90 12.48 -11.57 -17.02
N GLY A 91 13.60 -12.02 -16.43
CA GLY A 91 14.22 -11.27 -15.40
C GLY A 91 13.76 -11.67 -14.02
N PHE A 92 13.83 -10.77 -13.06
CA PHE A 92 13.58 -11.11 -11.65
C PHE A 92 13.08 -9.94 -10.85
N ALA A 93 12.60 -10.23 -9.64
CA ALA A 93 12.37 -9.19 -8.63
C ALA A 93 12.76 -9.81 -7.30
N GLU A 94 13.38 -9.05 -6.44
CA GLU A 94 13.87 -9.62 -5.17
C GLU A 94 13.68 -8.57 -4.10
N MET A 95 13.13 -8.97 -2.97
CA MET A 95 12.95 -8.07 -1.82
C MET A 95 13.73 -8.65 -0.68
N THR A 96 14.55 -7.83 -0.03
N THR A 96 14.52 -7.81 -0.01
CA THR A 96 15.39 -8.26 1.07
CA THR A 96 15.39 -8.24 1.07
C THR A 96 15.11 -7.39 2.28
C THR A 96 15.09 -7.38 2.29
N TYR A 97 14.98 -8.01 3.45
CA TYR A 97 14.87 -7.23 4.71
C TYR A 97 16.07 -7.57 5.59
N ASN A 98 16.93 -6.60 5.89
CA ASN A 98 18.06 -6.90 6.80
C ASN A 98 17.50 -6.64 8.20
N LEU A 99 17.35 -7.67 9.02
CA LEU A 99 16.79 -7.53 10.37
C LEU A 99 17.72 -6.74 11.28
N THR A 100 19.02 -6.92 11.01
N THR A 100 19.00 -6.56 11.06
CA THR A 100 20.19 -6.35 11.73
CA THR A 100 19.64 -5.77 12.12
C THR A 100 20.39 -4.84 11.40
C THR A 100 19.36 -4.27 11.85
N SER A 101 20.31 -4.46 10.12
N SER A 101 19.52 -3.86 10.58
CA SER A 101 20.54 -3.06 9.75
CA SER A 101 19.35 -2.47 10.21
C SER A 101 19.27 -2.25 9.65
C SER A 101 17.88 -2.11 9.94
N GLY A 102 18.15 -2.97 9.49
N GLY A 102 17.00 -3.09 9.75
CA GLY A 102 16.82 -2.36 9.44
CA GLY A 102 15.60 -2.82 9.53
C GLY A 102 16.39 -1.77 8.09
C GLY A 102 15.33 -2.25 8.12
N VAL A 103 16.92 -2.29 6.97
N VAL A 103 16.32 -2.37 7.25
CA VAL A 103 16.60 -1.79 5.61
CA VAL A 103 16.20 -1.87 5.90
C VAL A 103 15.80 -2.80 4.77
C VAL A 103 15.58 -2.91 5.00
N LEU A 104 14.57 -2.41 4.31
CA LEU A 104 13.86 -3.18 3.28
C LEU A 104 14.27 -2.72 1.92
N HIS A 105 14.76 -3.59 1.04
CA HIS A 105 15.32 -3.16 -0.24
C HIS A 105 14.70 -3.99 -1.34
N TYR A 106 14.04 -3.32 -2.29
CA TYR A 106 13.40 -4.02 -3.40
C TYR A 106 14.17 -3.75 -4.72
N VAL A 107 14.48 -4.79 -5.49
CA VAL A 107 15.21 -4.66 -6.77
C VAL A 107 14.37 -5.44 -7.79
N GLN A 108 13.96 -4.77 -8.87
CA GLN A 108 13.14 -5.41 -9.87
C GLN A 108 13.74 -5.10 -11.26
N GLN A 109 13.94 -6.15 -12.04
CA GLN A 109 14.41 -6.05 -13.40
C GLN A 109 13.66 -6.97 -14.31
N LEU A 110 12.49 -6.54 -14.78
CA LEU A 110 11.63 -7.40 -15.56
C LEU A 110 11.51 -6.91 -16.98
N ASP A 111 11.46 -7.84 -17.92
CA ASP A 111 11.31 -7.53 -19.35
C ASP A 111 10.39 -8.51 -19.99
N ASN A 112 10.04 -8.32 -21.27
CA ASN A 112 9.14 -9.24 -21.96
C ASN A 112 7.83 -9.42 -21.15
N ILE A 113 7.32 -8.35 -20.51
CA ILE A 113 6.19 -8.49 -19.60
C ILE A 113 4.87 -8.73 -20.37
N VAL A 114 4.18 -9.81 -20.01
CA VAL A 114 2.83 -10.10 -20.56
C VAL A 114 1.89 -10.09 -19.37
N LEU A 115 0.82 -9.30 -19.47
CA LEU A 115 -0.11 -9.17 -18.34
C LEU A 115 -1.21 -10.23 -18.31
N ARG A 116 -1.74 -10.47 -17.09
N ARG A 116 -1.77 -10.51 -17.12
CA ARG A 116 -2.85 -11.41 -16.92
CA ARG A 116 -2.89 -11.44 -17.09
C ARG A 116 -4.15 -10.84 -17.51
C ARG A 116 -4.13 -10.80 -17.68
N ASP A 117 -4.36 -9.54 -17.34
CA ASP A 117 -5.62 -8.84 -17.86
C ASP A 117 -5.20 -7.41 -18.03
N ARG A 118 -5.06 -6.99 -19.29
N ARG A 118 -5.08 -7.04 -19.33
CA ARG A 118 -4.61 -5.61 -19.57
CA ARG A 118 -4.77 -5.69 -19.82
C ARG A 118 -5.63 -4.58 -19.03
C ARG A 118 -5.63 -4.64 -19.09
N SER A 119 -6.89 -4.98 -18.88
CA SER A 119 -7.89 -4.04 -18.33
C SER A 119 -7.63 -3.65 -16.87
N ASN A 120 -6.76 -4.40 -16.17
CA ASN A 120 -6.37 -4.04 -14.82
C ASN A 120 -5.24 -3.02 -14.77
N TRP A 121 -4.67 -2.72 -15.96
CA TRP A 121 -3.76 -1.60 -16.21
C TRP A 121 -2.35 -1.76 -15.60
N VAL A 122 -2.27 -1.74 -14.27
CA VAL A 122 -0.95 -1.89 -13.59
C VAL A 122 -0.51 -3.32 -13.62
N HIS A 123 0.78 -3.55 -13.34
CA HIS A 123 1.33 -4.87 -13.41
C HIS A 123 1.34 -5.57 -12.05
N GLY A 124 1.43 -4.81 -10.97
CA GLY A 124 1.63 -5.44 -9.63
C GLY A 124 1.77 -4.35 -8.60
N TYR A 125 2.03 -4.77 -7.34
CA TYR A 125 2.12 -3.88 -6.21
C TYR A 125 3.04 -4.53 -5.17
N PRO A 126 4.36 -4.59 -5.47
CA PRO A 126 5.32 -5.09 -4.47
C PRO A 126 5.22 -4.20 -3.23
N GLU A 127 5.20 -4.81 -2.04
CA GLU A 127 4.70 -4.12 -0.86
C GLU A 127 5.14 -4.74 0.46
N ILE A 128 4.89 -3.98 1.51
CA ILE A 128 5.00 -4.44 2.87
C ILE A 128 3.74 -4.00 3.58
N PHE A 129 3.18 -4.83 4.47
CA PHE A 129 1.94 -4.41 5.09
C PHE A 129 1.84 -4.82 6.59
N TYR A 130 0.96 -4.15 7.30
CA TYR A 130 0.62 -4.41 8.64
C TYR A 130 -0.87 -4.76 8.68
N GLY A 131 -1.26 -5.76 9.47
CA GLY A 131 -2.65 -6.08 9.63
C GLY A 131 -2.96 -7.37 8.86
N ASN A 132 -4.22 -7.58 8.48
CA ASN A 132 -4.68 -8.77 7.77
C ASN A 132 -4.88 -8.38 6.32
N LYS A 133 -4.05 -8.81 5.37
CA LYS A 133 -4.32 -8.51 3.95
C LYS A 133 -5.50 -9.42 3.51
N PRO A 134 -6.61 -8.82 2.99
CA PRO A 134 -7.85 -9.60 2.86
C PRO A 134 -7.91 -10.45 1.63
N TRP A 135 -6.91 -10.36 0.73
CA TRP A 135 -6.83 -11.16 -0.48
C TRP A 135 -6.24 -12.54 -0.28
N ASN A 136 -5.61 -12.78 0.88
CA ASN A 136 -4.92 -14.06 1.05
C ASN A 136 -4.82 -14.32 2.57
N ALA A 137 -4.12 -15.40 2.90
CA ALA A 137 -4.01 -15.84 4.32
C ALA A 137 -2.79 -15.22 5.02
N ASN A 138 -2.22 -14.12 4.49
CA ASN A 138 -1.07 -13.49 5.10
C ASN A 138 -1.50 -12.35 6.01
N TYR A 139 -0.79 -12.21 7.13
CA TYR A 139 -1.13 -11.24 8.16
C TYR A 139 0.07 -10.86 8.98
N ALA A 140 -0.01 -9.77 9.68
CA ALA A 140 1.04 -9.32 10.60
C ALA A 140 0.33 -8.49 11.61
N THR A 141 0.27 -8.96 12.86
CA THR A 141 -0.49 -8.24 13.85
C THR A 141 0.32 -7.85 15.11
N ASP A 142 1.66 -7.97 15.04
CA ASP A 142 2.51 -7.64 16.21
C ASP A 142 2.83 -6.12 16.05
N GLY A 143 1.92 -5.26 16.51
CA GLY A 143 2.10 -3.79 16.40
C GLY A 143 1.18 -3.07 17.35
N PRO A 144 1.28 -1.75 17.42
CA PRO A 144 0.49 -0.99 18.42
C PRO A 144 -0.95 -0.69 18.02
N ILE A 145 -1.32 -0.83 16.75
CA ILE A 145 -2.72 -0.50 16.31
C ILE A 145 -3.34 -1.88 16.13
N PRO A 146 -4.54 -2.08 16.71
CA PRO A 146 -5.11 -3.44 16.67
C PRO A 146 -5.88 -3.52 15.34
N LEU A 147 -5.26 -3.96 14.27
CA LEU A 147 -5.91 -4.24 13.01
C LEU A 147 -6.03 -5.74 12.79
N PRO A 148 -7.16 -6.26 12.30
CA PRO A 148 -8.37 -5.46 11.90
C PRO A 148 -9.16 -4.91 13.08
N SER A 149 -9.85 -3.78 12.88
CA SER A 149 -10.79 -3.30 13.87
C SER A 149 -11.86 -2.61 13.10
N LYS A 150 -13.08 -2.57 13.66
CA LYS A 150 -14.14 -1.72 13.06
C LYS A 150 -13.69 -0.28 12.99
N VAL A 151 -14.08 0.41 11.91
CA VAL A 151 -13.73 1.84 11.79
C VAL A 151 -14.29 2.62 12.97
N SER A 152 -15.48 2.24 13.44
CA SER A 152 -16.09 2.99 14.54
C SER A 152 -15.36 2.84 15.88
N ASN A 153 -14.46 1.85 16.01
CA ASN A 153 -13.78 1.54 17.30
C ASN A 153 -12.34 1.92 17.23
N LEU A 154 -11.85 2.29 16.08
CA LEU A 154 -10.39 2.58 15.95
C LEU A 154 -10.07 4.00 16.32
N THR A 155 -8.91 4.19 16.94
CA THR A 155 -8.43 5.60 17.12
C THR A 155 -7.68 6.00 15.83
N ASP A 156 -7.50 7.31 15.69
CA ASP A 156 -6.68 7.83 14.68
C ASP A 156 -5.24 7.42 14.95
N PHE A 157 -4.40 7.51 13.93
CA PHE A 157 -2.98 7.23 14.11
C PHE A 157 -2.20 8.00 13.07
N TYR A 158 -0.95 8.32 13.40
CA TYR A 158 0.00 8.76 12.35
C TYR A 158 0.65 7.54 11.73
N LEU A 159 0.90 7.62 10.43
CA LEU A 159 1.71 6.68 9.73
C LEU A 159 2.95 7.40 9.23
N THR A 160 4.13 6.93 9.67
CA THR A 160 5.37 7.57 9.25
C THR A 160 6.20 6.62 8.47
N ILE A 161 6.68 7.00 7.28
CA ILE A 161 7.43 6.10 6.41
C ILE A 161 8.70 6.84 5.92
N SER A 162 9.85 6.21 6.06
CA SER A 162 11.09 6.75 5.48
C SER A 162 11.49 5.90 4.33
N TYR A 163 11.68 6.47 3.14
CA TYR A 163 11.78 5.68 1.90
C TYR A 163 12.59 6.42 0.83
N LYS A 164 12.91 5.73 -0.25
CA LYS A 164 13.51 6.38 -1.42
C LYS A 164 13.14 5.53 -2.61
N LEU A 165 12.59 6.17 -3.65
CA LEU A 165 12.14 5.44 -4.84
C LEU A 165 13.04 5.72 -6.03
N GLU A 166 13.37 4.69 -6.83
CA GLU A 166 14.14 4.84 -8.04
C GLU A 166 13.58 4.01 -9.19
N PRO A 167 12.44 4.46 -9.77
CA PRO A 167 11.99 3.87 -11.05
C PRO A 167 13.01 4.19 -12.17
N LYS A 168 13.25 3.23 -13.07
CA LYS A 168 14.19 3.40 -14.14
C LYS A 168 13.43 3.69 -15.46
N ASN A 169 14.06 4.54 -16.32
CA ASN A 169 13.59 4.81 -17.69
C ASN A 169 12.13 5.30 -17.76
N GLY A 170 11.72 6.10 -16.78
CA GLY A 170 10.36 6.66 -16.80
C GLY A 170 9.23 5.69 -16.53
N LEU A 171 9.53 4.55 -15.92
CA LEU A 171 8.47 3.56 -15.58
C LEU A 171 7.34 4.23 -14.81
N PRO A 172 6.09 4.08 -15.29
CA PRO A 172 4.96 4.67 -14.52
C PRO A 172 4.84 3.95 -13.18
N ILE A 173 4.77 4.70 -12.08
CA ILE A 173 4.71 4.13 -10.76
C ILE A 173 3.90 4.99 -9.85
N ASN A 174 3.48 4.46 -8.72
CA ASN A 174 3.14 5.30 -7.56
C ASN A 174 3.83 4.76 -6.31
N PHE A 175 3.77 5.52 -5.22
CA PHE A 175 4.11 5.00 -3.90
C PHE A 175 2.82 5.21 -3.14
N ALA A 176 2.14 4.10 -2.88
CA ALA A 176 0.76 4.17 -2.42
C ALA A 176 0.54 3.36 -1.14
N ILE A 177 -0.14 3.97 -0.21
CA ILE A 177 -0.58 3.34 1.03
C ILE A 177 -1.97 2.87 0.78
N GLU A 178 -2.31 1.61 1.10
CA GLU A 178 -3.65 1.15 0.81
C GLU A 178 -4.26 0.46 2.02
N SER A 179 -5.57 0.70 2.28
CA SER A 179 -6.32 -0.12 3.23
C SER A 179 -7.54 -0.67 2.55
N TRP A 180 -7.97 -1.84 3.03
CA TRP A 180 -9.19 -2.44 2.59
C TRP A 180 -10.16 -2.46 3.76
N LEU A 181 -11.45 -2.13 3.45
CA LEU A 181 -12.49 -2.10 4.47
C LEU A 181 -13.56 -3.12 4.16
N THR A 182 -13.72 -4.10 5.06
CA THR A 182 -14.53 -5.31 4.74
C THR A 182 -15.67 -5.49 5.76
N ARG A 183 -16.69 -6.21 5.33
CA ARG A 183 -17.82 -6.46 6.23
C ARG A 183 -17.52 -7.46 7.37
N GLU A 184 -16.54 -8.37 7.15
CA GLU A 184 -16.24 -9.34 8.24
C GLU A 184 -14.91 -8.96 8.83
N ALA A 185 -14.67 -9.39 10.05
CA ALA A 185 -13.52 -8.95 10.82
C ALA A 185 -12.27 -9.46 10.18
N TRP A 186 -12.23 -10.71 9.76
CA TRP A 186 -10.97 -11.34 9.31
C TRP A 186 -11.21 -11.96 7.95
N ARG A 187 -11.17 -11.14 6.88
CA ARG A 187 -11.45 -11.59 5.51
C ARG A 187 -10.19 -12.17 4.90
N THR A 188 -10.27 -13.28 4.20
CA THR A 188 -9.07 -13.84 3.54
C THR A 188 -9.35 -14.27 2.11
N THR A 189 -10.55 -13.97 1.60
CA THR A 189 -10.95 -14.53 0.28
C THR A 189 -11.31 -13.46 -0.73
N GLY A 190 -10.85 -12.22 -0.52
CA GLY A 190 -11.16 -11.16 -1.51
C GLY A 190 -12.13 -10.12 -1.04
N ILE A 191 -12.66 -9.34 -1.99
CA ILE A 191 -13.34 -8.08 -1.65
C ILE A 191 -14.64 -8.05 -2.49
N ASN A 192 -15.73 -7.57 -1.88
CA ASN A 192 -17.05 -7.58 -2.52
C ASN A 192 -17.47 -6.16 -2.89
N SER A 193 -18.56 -6.07 -3.64
N SER A 193 -18.57 -6.07 -3.63
CA SER A 193 -18.92 -4.80 -4.23
CA SER A 193 -19.01 -4.81 -4.23
C SER A 193 -19.37 -3.77 -3.22
C SER A 193 -19.41 -3.77 -3.21
N ASP A 194 -19.79 -4.21 -2.02
CA ASP A 194 -20.21 -3.32 -0.93
C ASP A 194 -19.09 -2.99 0.08
N GLU A 195 -17.84 -3.11 -0.40
CA GLU A 195 -16.65 -2.87 0.39
C GLU A 195 -15.78 -1.80 -0.27
N GLN A 196 -14.67 -1.42 0.38
CA GLN A 196 -13.93 -0.27 -0.10
C GLN A 196 -12.41 -0.52 -0.07
N ALA A 197 -11.73 0.02 -1.09
CA ALA A 197 -10.26 0.20 -1.10
C ALA A 197 -10.02 1.68 -0.91
N VAL A 198 -9.12 2.04 -0.01
CA VAL A 198 -8.63 3.41 0.10
C VAL A 198 -7.18 3.39 -0.28
N MET A 199 -6.78 4.29 -1.19
CA MET A 199 -5.36 4.45 -1.52
C MET A 199 -4.91 5.87 -1.25
N ILE A 200 -3.69 6.02 -0.77
CA ILE A 200 -3.10 7.34 -0.54
C ILE A 200 -1.78 7.35 -1.28
N TRP A 201 -1.70 8.13 -2.36
CA TRP A 201 -0.49 8.15 -3.21
C TRP A 201 0.34 9.33 -2.77
N ILE A 202 1.51 9.06 -2.17
CA ILE A 202 2.39 10.16 -1.79
C ILE A 202 3.52 10.37 -2.82
N TYR A 203 3.64 9.49 -3.80
CA TYR A 203 4.44 9.75 -4.99
C TYR A 203 3.63 9.20 -6.18
N TYR A 204 3.75 9.81 -7.35
CA TYR A 204 3.36 9.13 -8.56
C TYR A 204 4.09 9.73 -9.73
N ASP A 205 4.15 8.98 -10.80
CA ASP A 205 4.65 9.47 -12.09
C ASP A 205 4.04 8.62 -13.15
N GLY A 206 3.21 9.24 -14.01
CA GLY A 206 2.72 8.48 -15.16
C GLY A 206 1.51 7.58 -14.92
N LEU A 207 0.88 7.69 -13.74
CA LEU A 207 -0.34 6.92 -13.41
C LEU A 207 -1.35 7.94 -12.89
N GLN A 208 -2.62 7.70 -13.21
CA GLN A 208 -3.68 8.43 -12.56
C GLN A 208 -4.57 7.39 -11.85
N PRO A 209 -5.26 7.81 -10.75
CA PRO A 209 -6.14 6.84 -10.10
C PRO A 209 -7.27 6.37 -10.99
N ALA A 210 -7.86 5.23 -10.63
CA ALA A 210 -9.06 4.75 -11.31
C ALA A 210 -10.24 5.72 -11.09
N GLY A 211 -11.16 5.68 -12.07
CA GLY A 211 -12.39 6.43 -11.91
C GLY A 211 -12.36 7.92 -12.31
N SER A 212 -13.00 8.75 -11.53
N SER A 212 -13.08 8.72 -11.53
CA SER A 212 -13.06 10.16 -11.90
CA SER A 212 -13.25 10.15 -11.81
C SER A 212 -12.73 10.99 -10.70
C SER A 212 -12.68 10.99 -10.68
N LYS A 213 -12.35 12.22 -10.99
CA LYS A 213 -11.91 13.16 -9.94
C LYS A 213 -13.17 13.72 -9.25
N VAL A 214 -13.12 13.77 -7.93
CA VAL A 214 -14.25 14.25 -7.09
C VAL A 214 -13.93 15.61 -6.62
N LYS A 215 -12.85 15.81 -5.86
CA LYS A 215 -12.53 17.10 -5.29
C LYS A 215 -11.06 17.18 -4.92
N GLU A 216 -10.62 18.32 -4.35
CA GLU A 216 -9.30 18.38 -3.74
C GLU A 216 -9.53 18.66 -2.28
N ILE A 217 -8.64 18.12 -1.41
CA ILE A 217 -8.65 18.42 0.01
C ILE A 217 -7.26 18.84 0.50
N VAL A 218 -7.23 19.49 1.65
CA VAL A 218 -5.98 19.78 2.35
C VAL A 218 -5.82 18.73 3.44
N VAL A 219 -4.60 18.20 3.60
CA VAL A 219 -4.29 17.34 4.75
C VAL A 219 -2.96 17.89 5.33
N PRO A 220 -2.91 18.14 6.65
CA PRO A 220 -1.64 18.55 7.28
C PRO A 220 -0.76 17.31 7.41
N ILE A 221 0.43 17.36 6.84
CA ILE A 221 1.37 16.20 6.90
C ILE A 221 2.67 16.75 7.39
N ILE A 222 3.63 15.85 7.56
CA ILE A 222 5.02 16.29 7.91
C ILE A 222 5.94 15.65 6.90
N VAL A 223 6.78 16.49 6.30
CA VAL A 223 7.70 16.05 5.23
C VAL A 223 9.10 16.44 5.67
N ASN A 224 9.97 15.44 5.81
CA ASN A 224 11.35 15.73 6.21
C ASN A 224 11.44 16.61 7.46
N GLY A 225 10.56 16.33 8.41
CA GLY A 225 10.55 16.97 9.69
C GLY A 225 9.79 18.27 9.75
N THR A 226 9.31 18.78 8.61
CA THR A 226 8.65 20.09 8.61
C THR A 226 7.13 19.86 8.35
N PRO A 227 6.28 20.39 9.26
CA PRO A 227 4.81 20.32 8.99
C PRO A 227 4.41 21.16 7.79
N VAL A 228 3.53 20.63 6.96
CA VAL A 228 3.12 21.36 5.77
C VAL A 228 1.71 20.98 5.42
N ASN A 229 0.96 21.97 4.97
CA ASN A 229 -0.37 21.61 4.42
C ASN A 229 -0.22 21.11 3.00
N ALA A 230 -0.65 19.91 2.72
CA ALA A 230 -0.51 19.34 1.37
C ALA A 230 -1.91 19.25 0.73
N THR A 231 -1.98 19.26 -0.57
CA THR A 231 -3.21 19.10 -1.30
C THR A 231 -3.28 17.70 -1.90
N PHE A 232 -4.39 17.01 -1.72
CA PHE A 232 -4.66 15.74 -2.37
C PHE A 232 -5.86 15.82 -3.26
N GLU A 233 -5.70 15.31 -4.48
CA GLU A 233 -6.91 15.09 -5.30
C GLU A 233 -7.62 13.83 -4.78
N VAL A 234 -8.97 13.85 -4.76
CA VAL A 234 -9.76 12.72 -4.33
C VAL A 234 -10.41 12.15 -5.57
N TRP A 235 -10.20 10.87 -5.84
CA TRP A 235 -10.74 10.16 -6.97
C TRP A 235 -11.65 9.03 -6.49
N LYS A 236 -12.68 8.67 -7.25
CA LYS A 236 -13.59 7.60 -6.82
C LYS A 236 -13.93 6.75 -8.06
N ALA A 237 -13.93 5.42 -7.84
CA ALA A 237 -14.25 4.47 -8.88
C ALA A 237 -15.08 3.34 -8.29
N ASN A 238 -15.73 2.55 -9.16
CA ASN A 238 -16.27 1.24 -8.73
C ASN A 238 -15.72 0.21 -9.69
N ILE A 239 -14.82 -0.66 -9.17
CA ILE A 239 -14.08 -1.56 -10.01
C ILE A 239 -14.23 -2.98 -9.45
N GLY A 240 -15.44 -3.33 -9.02
CA GLY A 240 -15.69 -4.61 -8.26
C GLY A 240 -15.86 -4.36 -6.76
N TRP A 241 -15.45 -3.16 -6.32
CA TRP A 241 -15.58 -2.66 -4.98
C TRP A 241 -15.50 -1.13 -5.15
N GLU A 242 -15.89 -0.39 -4.13
CA GLU A 242 -15.69 1.03 -4.20
C GLU A 242 -14.21 1.36 -3.95
N TYR A 243 -13.66 2.29 -4.74
CA TYR A 243 -12.26 2.64 -4.70
C TYR A 243 -12.20 4.13 -4.48
N VAL A 244 -11.48 4.58 -3.46
CA VAL A 244 -11.27 6.00 -3.18
C VAL A 244 -9.77 6.20 -3.10
N ALA A 245 -9.21 7.06 -3.95
CA ALA A 245 -7.79 7.36 -3.94
C ALA A 245 -7.57 8.84 -3.64
N PHE A 246 -6.48 9.10 -2.90
CA PHE A 246 -6.03 10.42 -2.56
C PHE A 246 -4.68 10.58 -3.19
N ARG A 247 -4.57 11.40 -4.21
CA ARG A 247 -3.32 11.57 -4.95
C ARG A 247 -2.66 12.91 -4.61
N ILE A 248 -1.52 12.90 -3.94
CA ILE A 248 -0.89 14.13 -3.54
C ILE A 248 -0.62 14.99 -4.82
N LYS A 249 -0.75 16.35 -4.72
CA LYS A 249 -0.51 17.19 -5.92
C LYS A 249 1.00 17.45 -6.14
N THR A 250 1.76 17.23 -5.08
CA THR A 250 3.22 17.49 -5.07
C THR A 250 3.91 16.21 -4.67
N PRO A 251 4.19 15.33 -5.62
CA PRO A 251 4.76 14.00 -5.29
C PRO A 251 6.06 14.07 -4.53
N ILE A 252 6.30 13.12 -3.63
CA ILE A 252 7.48 13.11 -2.76
C ILE A 252 8.20 11.83 -3.10
N LYS A 253 9.34 11.91 -3.75
CA LYS A 253 10.00 10.71 -4.28
C LYS A 253 10.93 10.02 -3.24
N GLU A 254 11.26 10.74 -2.17
CA GLU A 254 12.11 10.17 -1.10
C GLU A 254 11.96 11.03 0.13
N GLY A 255 12.27 10.49 1.30
CA GLY A 255 12.34 11.26 2.52
C GLY A 255 11.60 10.56 3.62
N THR A 256 11.24 11.31 4.65
CA THR A 256 10.46 10.79 5.77
C THR A 256 9.14 11.56 5.73
N VAL A 257 8.03 10.84 5.61
CA VAL A 257 6.67 11.49 5.49
C VAL A 257 5.75 10.91 6.58
N THR A 258 5.11 11.81 7.34
CA THR A 258 4.08 11.42 8.33
C THR A 258 2.72 11.92 7.85
N ILE A 259 1.75 11.00 7.86
CA ILE A 259 0.38 11.41 7.52
C ILE A 259 -0.56 11.00 8.62
N PRO A 260 -1.66 11.79 8.86
CA PRO A 260 -2.69 11.40 9.84
C PRO A 260 -3.72 10.53 9.12
N TYR A 261 -3.86 9.26 9.52
CA TYR A 261 -4.64 8.34 8.71
C TYR A 261 -6.15 8.73 8.66
N GLY A 262 -6.65 9.24 9.79
CA GLY A 262 -8.07 9.60 9.90
C GLY A 262 -8.49 10.68 8.90
N ALA A 263 -7.59 11.56 8.49
CA ALA A 263 -7.93 12.61 7.52
C ALA A 263 -8.41 12.00 6.21
N PHE A 264 -7.87 10.83 5.85
CA PHE A 264 -8.19 10.16 4.61
C PHE A 264 -9.41 9.28 4.84
N ILE A 265 -9.42 8.47 5.89
CA ILE A 265 -10.56 7.55 6.04
C ILE A 265 -11.80 8.42 6.29
N SER A 266 -11.70 9.56 6.98
CA SER A 266 -12.94 10.39 7.19
C SER A 266 -13.53 10.87 5.87
N VAL A 267 -12.68 11.32 4.94
CA VAL A 267 -13.22 11.77 3.66
C VAL A 267 -13.72 10.57 2.86
N ALA A 268 -12.99 9.43 2.86
CA ALA A 268 -13.46 8.22 2.17
C ALA A 268 -14.84 7.81 2.70
N ALA A 269 -15.06 7.96 4.01
CA ALA A 269 -16.40 7.60 4.59
C ALA A 269 -17.44 8.61 4.04
N ASN A 270 -17.08 9.88 4.03
N ASN A 270 -17.09 9.88 4.04
CA ASN A 270 -18.04 10.93 3.73
CA ASN A 270 -18.04 10.92 3.61
C ASN A 270 -18.45 10.94 2.24
C ASN A 270 -18.53 10.73 2.21
N ILE A 271 -17.61 10.49 1.31
CA ILE A 271 -17.97 10.46 -0.10
C ILE A 271 -18.45 9.07 -0.51
N SER A 272 -18.42 8.09 0.42
CA SER A 272 -18.75 6.75 0.06
C SER A 272 -20.27 6.62 -0.29
N SER A 273 -20.54 5.73 -1.20
CA SER A 273 -21.94 5.30 -1.50
C SER A 273 -22.35 4.05 -0.73
N LEU A 274 -21.42 3.53 0.09
CA LEU A 274 -21.66 2.24 0.73
C LEU A 274 -22.58 2.50 1.94
N PRO A 275 -23.44 1.52 2.26
CA PRO A 275 -24.21 1.65 3.51
C PRO A 275 -23.41 1.28 4.75
N ASN A 276 -23.78 1.81 5.90
CA ASN A 276 -23.22 1.38 7.17
C ASN A 276 -21.70 1.39 7.15
N TYR A 277 -21.12 2.51 6.72
CA TYR A 277 -19.67 2.58 6.44
C TYR A 277 -18.90 2.30 7.72
N THR A 278 -19.34 2.87 8.85
CA THR A 278 -18.57 2.77 10.09
C THR A 278 -18.63 1.39 10.73
N GLU A 279 -19.42 0.47 10.17
CA GLU A 279 -19.38 -0.92 10.60
C GLU A 279 -18.31 -1.76 9.87
N LEU A 280 -17.67 -1.20 8.82
CA LEU A 280 -16.65 -1.92 8.09
C LEU A 280 -15.41 -2.03 9.00
N TYR A 281 -14.64 -3.09 8.74
CA TYR A 281 -13.36 -3.26 9.42
C TYR A 281 -12.21 -2.77 8.55
N LEU A 282 -11.37 -1.91 9.16
CA LEU A 282 -10.11 -1.46 8.48
C LEU A 282 -9.14 -2.68 8.66
N GLU A 283 -8.92 -3.43 7.57
CA GLU A 283 -8.25 -4.74 7.72
C GLU A 283 -6.77 -4.56 7.88
N ASP A 284 -6.15 -3.56 7.23
CA ASP A 284 -4.70 -3.52 7.11
C ASP A 284 -4.26 -2.16 6.64
N VAL A 285 -2.95 -1.95 6.62
CA VAL A 285 -2.29 -0.78 6.02
C VAL A 285 -1.15 -1.36 5.20
N GLU A 286 -1.21 -1.18 3.90
CA GLU A 286 -0.27 -1.74 2.94
C GLU A 286 0.53 -0.59 2.37
N ILE A 287 1.82 -0.78 2.10
CA ILE A 287 2.69 0.26 1.57
C ILE A 287 3.44 -0.35 0.41
N GLY A 288 3.40 0.25 -0.77
CA GLY A 288 4.07 -0.39 -1.90
C GLY A 288 4.03 0.50 -3.14
N THR A 289 4.49 -0.06 -4.27
CA THR A 289 4.50 0.73 -5.51
C THR A 289 3.75 0.00 -6.56
N GLU A 290 2.58 0.55 -6.96
CA GLU A 290 2.00 0.03 -8.19
C GLU A 290 2.91 0.49 -9.36
N PHE A 291 2.97 -0.30 -10.41
CA PHE A 291 3.80 0.11 -11.54
C PHE A 291 3.24 -0.43 -12.82
N GLY A 292 3.65 0.20 -13.93
CA GLY A 292 3.35 -0.30 -15.28
C GLY A 292 1.99 0.15 -15.85
N THR A 293 1.84 -0.18 -17.11
CA THR A 293 0.65 0.13 -17.95
C THR A 293 0.53 -0.97 -18.95
N PRO A 294 -0.61 -1.07 -19.66
CA PRO A 294 -0.72 -2.09 -20.69
C PRO A 294 0.30 -1.92 -21.83
N SER A 295 0.95 -0.76 -21.99
CA SER A 295 1.95 -0.51 -23.06
C SER A 295 3.36 -0.78 -22.58
N THR A 296 3.54 -1.05 -21.30
CA THR A 296 4.88 -1.20 -20.72
C THR A 296 5.31 -2.65 -20.80
N THR A 297 6.44 -2.96 -21.46
CA THR A 297 6.94 -4.35 -21.51
C THR A 297 8.21 -4.54 -20.71
N SER A 298 8.81 -3.45 -20.23
CA SER A 298 10.00 -3.53 -19.39
C SER A 298 9.72 -2.73 -18.13
N ALA A 299 10.09 -3.25 -16.96
CA ALA A 299 9.88 -2.50 -15.70
C ALA A 299 11.04 -2.77 -14.77
N HIS A 300 11.91 -1.79 -14.72
CA HIS A 300 13.07 -1.82 -13.85
C HIS A 300 12.85 -0.79 -12.76
N LEU A 301 13.00 -1.19 -11.51
CA LEU A 301 12.62 -0.33 -10.37
C LEU A 301 13.45 -0.76 -9.18
N GLU A 302 13.91 0.18 -8.37
CA GLU A 302 14.51 -0.16 -7.11
C GLU A 302 13.98 0.80 -6.07
N TRP A 303 13.71 0.33 -4.84
CA TRP A 303 13.33 1.22 -3.76
C TRP A 303 13.79 0.71 -2.43
N TRP A 304 13.75 1.57 -1.44
CA TRP A 304 14.20 1.23 -0.08
C TRP A 304 13.23 1.82 0.91
N ILE A 305 12.89 1.07 1.95
CA ILE A 305 12.11 1.63 3.10
C ILE A 305 12.93 1.32 4.34
N THR A 306 13.17 2.32 5.20
CA THR A 306 13.99 2.07 6.40
C THR A 306 13.17 2.14 7.64
N ASN A 307 11.96 2.70 7.62
N ASN A 307 11.96 2.70 7.57
CA ASN A 307 11.26 2.88 8.92
CA ASN A 307 11.17 2.73 8.79
C ASN A 307 9.76 3.08 8.70
C ASN A 307 9.73 2.87 8.42
N ILE A 308 8.92 2.14 9.18
CA ILE A 308 7.48 2.30 9.15
C ILE A 308 7.05 2.34 10.58
N THR A 309 6.32 3.37 10.97
CA THR A 309 5.84 3.51 12.36
C THR A 309 4.41 3.93 12.37
N LEU A 310 3.56 3.21 13.13
CA LEU A 310 2.16 3.65 13.31
C LEU A 310 2.07 4.16 14.73
N THR A 311 1.61 5.40 14.93
CA THR A 311 1.60 6.04 16.25
C THR A 311 0.16 6.34 16.65
N PRO A 312 -0.39 5.62 17.65
CA PRO A 312 -1.80 5.90 17.96
C PRO A 312 -1.99 7.28 18.58
N LEU A 313 -3.16 7.87 18.26
CA LEU A 313 -3.56 9.21 18.76
C LEU A 313 -4.78 9.09 19.63
N ASP A 314 -5.04 10.05 20.46
CA ASP A 314 -6.11 9.87 21.42
C ASP A 314 -7.36 10.60 20.89
N ARG A 315 -7.87 10.17 19.76
CA ARG A 315 -9.05 10.78 19.12
C ARG A 315 -9.54 9.68 18.13
N PRO A 316 -10.84 9.69 17.77
CA PRO A 316 -11.35 8.65 16.91
C PRO A 316 -10.74 8.77 15.49
N LEU A 317 -10.71 7.66 14.81
CA LEU A 317 -10.25 7.60 13.43
C LEU A 317 -11.16 8.50 12.56
N ILE A 318 -12.49 8.39 12.74
CA ILE A 318 -13.41 9.20 11.89
C ILE A 318 -13.79 10.44 12.64
N SER A 319 -13.68 11.58 11.96
CA SER A 319 -14.10 12.91 12.42
C SER A 319 -15.04 13.58 11.40
C2 BGC B . -6.24 -12.87 -7.97
C3 BGC B . -5.45 -11.61 -7.60
C4 BGC B . -5.09 -11.54 -6.11
C5 BGC B . -4.43 -12.82 -5.63
C6 BGC B . -4.30 -12.78 -4.13
C1 BGC B . -5.42 -14.00 -7.41
O1 BGC B . -6.04 -15.24 -7.66
O2 BGC B . -6.36 -12.88 -9.41
O3 BGC B . -6.19 -10.45 -8.03
O4 BGC B . -4.11 -10.56 -5.98
O5 BGC B . -5.34 -13.87 -5.95
O6 BGC B . -3.52 -13.92 -3.77
C2 BGC B . -3.39 -8.59 -4.88
C3 BGC B . -3.80 -7.24 -4.37
C4 BGC B . -4.54 -6.47 -5.45
C5 BGC B . -5.71 -7.30 -5.89
C6 BGC B . -6.54 -6.66 -7.04
C1 BGC B . -4.59 -9.37 -5.39
O2 BGC B . -2.79 -9.36 -3.83
O3 BGC B . -2.67 -6.53 -3.90
O4 BGC B . -4.97 -5.25 -4.89
O5 BGC B . -5.22 -8.56 -6.37
O6 BGC B . -7.38 -7.76 -7.56
C2 BGC C . -7.50 3.49 -16.34
C3 BGC C . -7.35 3.17 -14.85
C4 BGC C . -5.90 3.26 -14.38
C5 BGC C . -5.24 4.54 -14.94
C6 BGC C . -3.73 4.55 -14.76
C1 BGC C . -6.94 4.90 -16.50
O1 BGC C . -7.38 5.48 -17.70
O2 BGC C . -8.87 3.33 -16.72
O3 BGC C . -7.77 1.81 -14.51
O4 BGC C . -5.93 3.40 -12.97
O5 BGC C . -5.49 4.64 -16.35
O6 BGC C . -3.15 5.80 -15.20
C2 BGC C . -5.16 2.86 -10.83
C3 BGC C . -4.65 1.79 -9.89
C4 BGC C . -5.61 0.61 -9.91
C5 BGC C . -5.88 0.14 -11.34
C6 BGC C . -7.03 -0.90 -11.31
C1 BGC C . -5.37 2.31 -12.23
O2 BGC C . -4.12 3.85 -10.92
O3 BGC C . -4.59 2.30 -8.54
O4 BGC C . -5.06 -0.51 -9.17
O5 BGC C . -6.33 1.26 -12.11
O6 BGC C . -7.19 -1.30 -12.66
CA CA D . 6.72 -10.96 16.29
CA CA E . -4.68 -12.19 5.10
C3' NHE F . 10.24 -3.56 8.50
C2' NHE F . 10.56 -2.65 9.70
C1' NHE F . 10.99 -1.23 9.33
C6' NHE F . 10.75 -0.72 7.91
N NHE F . 10.38 -0.30 10.23
C1 NHE F . 9.96 -0.53 11.62
C2 NHE F . 10.35 0.60 12.61
S NHE F . 12.00 0.87 12.91
O1 NHE F . 12.72 1.47 11.74
O2 NHE F . 12.70 -0.36 13.20
O3 NHE F . 12.06 1.84 14.26
C5' NHE F . 10.32 -1.68 6.81
C4' NHE F . 10.75 -3.09 7.12
C3' NHE G . -9.22 -11.05 16.12
C2' NHE G . -9.49 -9.78 16.90
C1' NHE G . -10.15 -8.62 16.17
C6' NHE G . -10.72 -8.88 14.82
N NHE G . -10.82 -7.72 17.04
C1 NHE G . -11.87 -6.84 16.56
C2 NHE G . -12.02 -5.66 17.51
S NHE G . -13.35 -4.68 17.11
O1 NHE G . -14.56 -5.41 17.24
O2 NHE G . -13.20 -4.17 15.84
O3 NHE G . -13.28 -3.45 18.08
C5' NHE G . -10.26 -10.07 13.99
C4' NHE G . -9.07 -10.85 14.61
C3' NHE H . 5.60 12.01 13.89
C2' NHE H . 6.86 11.17 14.02
C1' NHE H . 6.99 10.07 14.98
C6' NHE H . 5.89 9.87 15.91
N NHE H . 8.06 9.10 14.85
C1 NHE H . 8.07 7.97 13.93
C2 NHE H . 9.34 7.23 13.62
S NHE H . 10.59 7.75 14.54
O1 NHE H . 10.20 7.43 15.87
O2 NHE H . 10.74 9.17 14.48
O3 NHE H . 11.90 6.90 14.12
C5' NHE H . 4.61 10.64 15.75
C4' NHE H . 4.77 12.03 15.17
#